data_7EIF
#
_entry.id   7EIF
#
_cell.length_a   73.595
_cell.length_b   52.834
_cell.length_c   57.864
_cell.angle_alpha   90.00
_cell.angle_beta   116.47
_cell.angle_gamma   90.00
#
_symmetry.space_group_name_H-M   'C 1 2 1'
#
loop_
_entity.id
_entity.type
_entity.pdbx_description
1 polymer 'YEATS domain-containing protein 4'
2 non-polymer GLYCEROL
3 water water
#
_entity_poly.entity_id   1
_entity_poly.type   'polypeptide(L)'
_entity_poly.pdbx_seq_one_letter_code
;GSSGSASVTIVKPIVYGNVARYFGKKREEDGHTHQWTVYVKPYRNEDMSAYVKKIQFKLHESYGNPLRVVTKPPYEITET
GWGEFEIIIKIFFIDPNERPVTLYHLLKLFQSDTNAMLGKKTVVSEFYDEMIFQDPTAMMQQLLTTSR
;
_entity_poly.pdbx_strand_id   A
#
loop_
_chem_comp.id
_chem_comp.type
_chem_comp.name
_chem_comp.formula
GOL non-polymer GLYCEROL 'C3 H8 O3'
#
# COMPACT_ATOMS: atom_id res chain seq x y z
N ALA A 6 15.24 6.83 -21.49
CA ALA A 6 13.94 6.43 -22.10
C ALA A 6 13.41 7.56 -22.98
N SER A 7 12.74 7.21 -24.08
N SER A 7 12.80 7.24 -24.12
CA SER A 7 12.09 8.14 -25.03
CA SER A 7 12.11 8.26 -24.94
C SER A 7 10.77 8.65 -24.42
C SER A 7 10.88 8.74 -24.16
N VAL A 8 10.07 7.80 -23.66
CA VAL A 8 8.79 8.13 -22.98
C VAL A 8 8.94 7.77 -21.50
N THR A 9 8.74 8.74 -20.62
CA THR A 9 8.72 8.51 -19.17
C THR A 9 7.40 9.00 -18.61
N ILE A 10 6.66 8.11 -17.95
CA ILE A 10 5.37 8.47 -17.32
C ILE A 10 5.53 8.28 -15.81
N VAL A 11 5.27 9.33 -15.07
CA VAL A 11 5.39 9.33 -13.58
C VAL A 11 3.99 9.35 -12.97
N LYS A 12 3.72 8.40 -12.09
CA LYS A 12 2.45 8.30 -11.34
C LYS A 12 2.79 8.43 -9.86
N PRO A 13 2.58 9.63 -9.29
CA PRO A 13 2.88 9.84 -7.88
C PRO A 13 1.84 9.11 -7.02
N ILE A 14 2.34 8.57 -5.90
CA ILE A 14 1.51 7.84 -4.91
C ILE A 14 1.85 8.30 -3.52
N VAL A 15 0.94 8.03 -2.59
CA VAL A 15 1.27 8.10 -1.15
C VAL A 15 0.91 6.75 -0.55
N TYR A 16 1.64 6.38 0.47
CA TYR A 16 1.43 5.08 1.11
C TYR A 16 1.81 5.21 2.58
N GLY A 17 1.29 4.28 3.37
CA GLY A 17 1.65 4.25 4.79
C GLY A 17 0.52 3.67 5.60
N ASN A 18 0.33 4.19 6.79
CA ASN A 18 -0.77 3.66 7.63
C ASN A 18 -1.34 4.74 8.52
N VAL A 19 -2.56 4.49 8.96
CA VAL A 19 -3.21 5.19 10.09
C VAL A 19 -3.36 4.15 11.20
N ALA A 20 -3.41 4.62 12.41
CA ALA A 20 -3.62 3.76 13.59
C ALA A 20 -4.57 4.47 14.54
N ARG A 21 -5.44 3.67 15.17
CA ARG A 21 -6.48 4.15 16.11
C ARG A 21 -6.25 3.39 17.40
N TYR A 22 -5.87 4.11 18.45
CA TYR A 22 -5.56 3.53 19.77
C TYR A 22 -6.86 3.22 20.50
N PHE A 23 -7.01 1.98 20.96
CA PHE A 23 -8.12 1.59 21.86
C PHE A 23 -7.92 2.35 23.19
N GLY A 24 -8.93 2.39 24.06
CA GLY A 24 -8.72 2.90 25.44
C GLY A 24 -7.42 2.35 26.03
N LYS A 25 -7.22 1.03 25.92
CA LYS A 25 -6.09 0.30 26.55
C LYS A 25 -5.92 -1.07 25.85
N LYS A 26 -5.00 -1.90 26.34
CA LYS A 26 -4.67 -3.24 25.76
C LYS A 26 -5.87 -4.18 25.92
N ARG A 27 -6.38 -4.70 24.81
CA ARG A 27 -7.53 -5.65 24.74
C ARG A 27 -7.14 -6.97 25.42
N GLU A 28 -7.93 -7.45 26.39
CA GLU A 28 -7.58 -8.63 27.24
C GLU A 28 -7.41 -9.88 26.37
N GLU A 29 -8.27 -10.08 25.35
CA GLU A 29 -8.40 -11.36 24.59
C GLU A 29 -7.13 -11.67 23.80
N ASP A 30 -6.51 -10.68 23.14
CA ASP A 30 -5.37 -10.91 22.21
C ASP A 30 -4.26 -9.89 22.41
N GLY A 31 -4.41 -8.94 23.35
CA GLY A 31 -3.38 -7.93 23.69
C GLY A 31 -3.29 -6.86 22.61
N HIS A 32 -4.23 -6.83 21.67
CA HIS A 32 -4.21 -5.81 20.58
C HIS A 32 -4.51 -4.46 21.23
N THR A 33 -3.84 -3.41 20.76
CA THR A 33 -3.97 -2.04 21.32
C THR A 33 -4.55 -1.11 20.27
N HIS A 34 -4.50 -1.48 18.99
CA HIS A 34 -4.80 -0.56 17.88
C HIS A 34 -5.55 -1.31 16.79
N GLN A 35 -6.39 -0.56 16.12
CA GLN A 35 -6.80 -0.90 14.75
C GLN A 35 -5.91 -0.09 13.83
N TRP A 36 -5.50 -0.67 12.71
CA TRP A 36 -4.69 0.11 11.75
C TRP A 36 -5.13 -0.20 10.34
N THR A 37 -4.84 0.74 9.46
CA THR A 37 -5.11 0.59 8.02
C THR A 37 -3.82 0.94 7.30
N VAL A 38 -3.33 0.01 6.52
CA VAL A 38 -2.16 0.23 5.63
C VAL A 38 -2.71 0.43 4.23
N TYR A 39 -2.13 1.35 3.49
CA TYR A 39 -2.72 1.76 2.20
C TYR A 39 -1.69 2.26 1.22
N VAL A 40 -2.12 2.23 -0.05
N VAL A 40 -2.10 2.30 -0.04
CA VAL A 40 -1.51 2.94 -1.20
CA VAL A 40 -1.40 3.08 -1.08
C VAL A 40 -2.62 3.72 -1.88
C VAL A 40 -2.47 3.66 -1.99
N LYS A 41 -2.35 4.95 -2.28
CA LYS A 41 -3.35 5.70 -3.04
C LYS A 41 -2.64 6.69 -3.94
N PRO A 42 -3.28 7.09 -5.05
CA PRO A 42 -2.66 8.08 -5.91
C PRO A 42 -2.51 9.42 -5.16
N TYR A 43 -1.47 10.16 -5.51
CA TYR A 43 -1.13 11.46 -4.87
C TYR A 43 -2.22 12.50 -5.11
N ARG A 44 -2.82 12.49 -6.31
CA ARG A 44 -4.03 13.30 -6.67
C ARG A 44 -5.09 12.40 -7.32
N ASN A 45 -6.34 12.87 -7.38
CA ASN A 45 -7.51 12.10 -7.88
C ASN A 45 -7.15 11.42 -9.21
N GLU A 46 -7.04 10.10 -9.22
CA GLU A 46 -7.07 9.24 -10.44
C GLU A 46 -7.51 7.83 -10.02
N ASP A 47 -7.99 7.01 -10.95
CA ASP A 47 -8.35 5.59 -10.65
C ASP A 47 -7.13 4.75 -11.04
N MET A 48 -6.27 4.39 -10.07
CA MET A 48 -5.10 3.50 -10.34
C MET A 48 -5.60 2.19 -10.90
N SER A 49 -6.85 1.80 -10.68
CA SER A 49 -7.35 0.45 -11.06
C SER A 49 -7.39 0.32 -12.59
N ALA A 50 -7.31 1.46 -13.30
CA ALA A 50 -7.19 1.44 -14.76
C ALA A 50 -5.95 0.63 -15.16
N TYR A 51 -4.86 0.70 -14.40
CA TYR A 51 -3.55 0.13 -14.84
C TYR A 51 -2.91 -0.77 -13.78
N VAL A 52 -3.44 -0.79 -12.58
CA VAL A 52 -2.97 -1.71 -11.51
C VAL A 52 -3.80 -3.00 -11.56
N LYS A 53 -3.09 -4.12 -11.54
CA LYS A 53 -3.74 -5.45 -11.49
C LYS A 53 -4.12 -5.81 -10.05
N LYS A 54 -3.15 -5.71 -9.14
CA LYS A 54 -3.36 -6.12 -7.73
C LYS A 54 -2.26 -5.46 -6.90
N ILE A 55 -2.55 -5.28 -5.62
CA ILE A 55 -1.53 -4.80 -4.67
C ILE A 55 -1.51 -5.80 -3.52
N GLN A 56 -0.32 -6.32 -3.26
CA GLN A 56 -0.07 -7.26 -2.16
C GLN A 56 0.44 -6.48 -0.95
N PHE A 57 -0.01 -6.88 0.23
CA PHE A 57 0.47 -6.35 1.52
C PHE A 57 0.98 -7.55 2.31
N LYS A 58 2.27 -7.59 2.61
N LYS A 58 2.28 -7.61 2.54
CA LYS A 58 2.91 -8.74 3.28
CA LYS A 58 2.90 -8.71 3.31
C LYS A 58 3.14 -8.36 4.75
C LYS A 58 3.02 -8.23 4.75
N LEU A 59 2.34 -8.92 5.65
CA LEU A 59 2.36 -8.60 7.09
C LEU A 59 3.38 -9.49 7.82
N HIS A 60 3.57 -9.20 9.09
CA HIS A 60 4.43 -9.99 10.00
C HIS A 60 3.93 -11.43 10.08
N GLU A 61 4.85 -12.37 10.20
CA GLU A 61 4.61 -13.84 10.29
C GLU A 61 3.62 -14.18 11.41
N SER A 62 3.47 -13.31 12.42
CA SER A 62 2.57 -13.54 13.58
C SER A 62 1.10 -13.47 13.17
N TYR A 63 0.79 -12.92 11.99
CA TYR A 63 -0.58 -12.94 11.40
C TYR A 63 -0.77 -14.30 10.73
N GLY A 64 -1.91 -14.94 11.04
CA GLY A 64 -2.25 -16.29 10.53
C GLY A 64 -2.31 -16.29 9.02
N ASN A 65 -2.76 -15.18 8.43
CA ASN A 65 -2.84 -14.98 6.96
C ASN A 65 -2.00 -13.74 6.63
N PRO A 66 -0.67 -13.89 6.47
CA PRO A 66 0.17 -12.71 6.33
C PRO A 66 0.22 -12.06 4.93
N LEU A 67 -0.11 -12.79 3.88
CA LEU A 67 -0.10 -12.22 2.52
C LEU A 67 -1.53 -11.79 2.19
N ARG A 68 -1.76 -10.49 2.12
CA ARG A 68 -3.09 -9.95 1.77
C ARG A 68 -3.02 -9.39 0.35
N VAL A 69 -4.11 -9.50 -0.40
CA VAL A 69 -4.14 -9.00 -1.79
C VAL A 69 -5.41 -8.18 -1.99
N VAL A 70 -5.25 -7.02 -2.62
CA VAL A 70 -6.37 -6.11 -2.97
C VAL A 70 -6.35 -5.84 -4.47
N THR A 71 -7.47 -6.07 -5.13
CA THR A 71 -7.61 -5.90 -6.60
C THR A 71 -8.56 -4.76 -6.97
N LYS A 72 -9.30 -4.21 -6.00
CA LYS A 72 -10.30 -3.14 -6.25
C LYS A 72 -10.03 -2.03 -5.25
N PRO A 73 -10.05 -0.77 -5.67
CA PRO A 73 -9.83 0.32 -4.73
C PRO A 73 -10.96 0.35 -3.71
N PRO A 74 -10.68 0.85 -2.48
CA PRO A 74 -9.38 1.38 -2.09
C PRO A 74 -8.35 0.29 -1.79
N TYR A 75 -7.11 0.60 -2.10
CA TYR A 75 -6.02 -0.38 -1.92
C TYR A 75 -5.52 -0.28 -0.49
N GLU A 76 -6.17 -1.01 0.40
CA GLU A 76 -5.88 -0.88 1.83
C GLU A 76 -6.31 -2.17 2.52
N ILE A 77 -5.64 -2.43 3.63
CA ILE A 77 -5.95 -3.54 4.56
C ILE A 77 -6.16 -2.94 5.96
N THR A 78 -7.25 -3.33 6.60
CA THR A 78 -7.53 -2.94 8.00
C THR A 78 -7.39 -4.19 8.87
N GLU A 79 -6.63 -4.05 9.93
CA GLU A 79 -6.36 -5.13 10.89
C GLU A 79 -6.25 -4.54 12.29
N THR A 80 -6.26 -5.40 13.29
CA THR A 80 -5.88 -4.97 14.67
C THR A 80 -4.54 -5.58 15.00
N GLY A 81 -3.88 -5.03 16.00
CA GLY A 81 -2.63 -5.60 16.46
C GLY A 81 -2.04 -4.84 17.63
N TRP A 82 -0.86 -5.26 18.00
CA TRP A 82 -0.04 -4.71 19.08
C TRP A 82 1.34 -4.32 18.55
N GLY A 83 1.78 -4.91 17.43
CA GLY A 83 3.18 -4.85 16.99
C GLY A 83 3.41 -3.81 15.90
N GLU A 84 4.63 -3.27 15.85
CA GLU A 84 5.14 -2.39 14.78
C GLU A 84 6.19 -3.18 14.01
N PHE A 85 6.03 -3.24 12.70
CA PHE A 85 6.88 -4.09 11.85
C PHE A 85 6.78 -3.58 10.41
N GLU A 86 7.75 -4.00 9.61
CA GLU A 86 7.74 -3.64 8.19
C GLU A 86 6.66 -4.44 7.46
N ILE A 87 5.91 -3.72 6.64
CA ILE A 87 4.95 -4.28 5.67
C ILE A 87 5.53 -4.06 4.28
N ILE A 88 5.61 -5.13 3.50
CA ILE A 88 6.03 -5.04 2.08
C ILE A 88 4.79 -4.86 1.22
N ILE A 89 4.75 -3.78 0.46
CA ILE A 89 3.64 -3.41 -0.44
C ILE A 89 4.15 -3.64 -1.86
N LYS A 90 3.49 -4.54 -2.60
CA LYS A 90 3.96 -4.86 -3.96
C LYS A 90 2.83 -4.61 -4.95
N ILE A 91 3.10 -3.68 -5.85
CA ILE A 91 2.10 -3.18 -6.83
C ILE A 91 2.40 -3.85 -8.17
N PHE A 92 1.43 -4.60 -8.69
CA PHE A 92 1.52 -5.31 -9.98
C PHE A 92 0.63 -4.59 -10.99
N PHE A 93 1.08 -4.58 -12.24
CA PHE A 93 0.39 -3.84 -13.32
C PHE A 93 -0.33 -4.78 -14.25
N ILE A 94 -1.29 -4.22 -14.98
CA ILE A 94 -2.07 -4.98 -15.97
C ILE A 94 -1.17 -5.46 -17.12
N ASP A 95 -0.12 -4.71 -17.45
CA ASP A 95 0.85 -5.13 -18.49
C ASP A 95 1.86 -6.08 -17.85
N PRO A 96 1.90 -7.36 -18.26
CA PRO A 96 2.88 -8.29 -17.73
C PRO A 96 4.33 -7.85 -18.01
N ASN A 97 4.54 -6.99 -19.02
CA ASN A 97 5.88 -6.47 -19.39
C ASN A 97 6.36 -5.44 -18.36
N GLU A 98 5.50 -4.95 -17.47
CA GLU A 98 5.90 -3.92 -16.47
C GLU A 98 6.29 -4.59 -15.14
N ARG A 99 7.52 -4.39 -14.69
CA ARG A 99 8.01 -4.93 -13.40
C ARG A 99 7.15 -4.36 -12.27
N PRO A 100 6.78 -5.19 -11.28
CA PRO A 100 6.08 -4.65 -10.12
C PRO A 100 6.93 -3.64 -9.35
N VAL A 101 6.25 -2.78 -8.61
CA VAL A 101 6.85 -1.80 -7.70
C VAL A 101 6.80 -2.37 -6.29
N THR A 102 7.93 -2.35 -5.59
CA THR A 102 7.97 -2.82 -4.19
C THR A 102 8.26 -1.63 -3.28
N LEU A 103 7.37 -1.43 -2.33
CA LEU A 103 7.49 -0.41 -1.28
C LEU A 103 7.64 -1.10 0.07
N TYR A 104 8.28 -0.42 0.98
CA TYR A 104 8.53 -0.92 2.35
C TYR A 104 8.01 0.13 3.30
N HIS A 105 7.21 -0.29 4.26
CA HIS A 105 6.59 0.66 5.22
C HIS A 105 6.66 0.08 6.63
N LEU A 106 7.20 0.85 7.56
CA LEU A 106 7.16 0.46 8.99
C LEU A 106 5.82 0.88 9.59
N LEU A 107 5.01 -0.11 9.96
CA LEU A 107 3.71 0.18 10.59
C LEU A 107 3.96 0.98 11.85
N LYS A 108 3.25 2.10 12.02
CA LYS A 108 3.41 2.99 13.18
C LYS A 108 2.09 3.00 13.97
N LEU A 109 2.15 2.63 15.24
CA LEU A 109 0.96 2.60 16.12
C LEU A 109 1.04 3.77 17.10
N PHE A 110 2.22 4.04 17.64
CA PHE A 110 2.43 5.09 18.67
C PHE A 110 3.16 6.28 18.07
N GLN A 111 2.94 7.48 18.64
CA GLN A 111 3.52 8.78 18.18
C GLN A 111 5.05 8.66 18.03
N LYS A 120 -2.69 10.98 21.18
CA LYS A 120 -2.19 9.72 20.58
C LYS A 120 -3.33 8.83 20.08
N LYS A 121 -4.58 9.31 20.10
CA LYS A 121 -5.76 8.49 19.69
C LYS A 121 -5.72 8.28 18.16
N THR A 122 -5.07 9.18 17.41
CA THR A 122 -4.90 9.03 15.94
C THR A 122 -3.42 9.25 15.61
N VAL A 123 -2.84 8.34 14.83
CA VAL A 123 -1.46 8.39 14.32
C VAL A 123 -1.53 8.15 12.81
N VAL A 124 -0.83 8.98 12.06
CA VAL A 124 -0.74 8.84 10.59
C VAL A 124 0.74 8.81 10.24
N SER A 125 1.14 7.83 9.48
CA SER A 125 2.54 7.70 8.98
C SER A 125 2.43 7.55 7.47
N GLU A 126 2.66 8.62 6.73
CA GLU A 126 2.41 8.62 5.27
C GLU A 126 3.65 9.14 4.54
N PHE A 127 3.95 8.49 3.42
CA PHE A 127 5.15 8.81 2.60
C PHE A 127 4.77 8.94 1.14
N TYR A 128 5.59 9.67 0.41
CA TYR A 128 5.43 9.92 -1.02
C TYR A 128 6.36 8.99 -1.80
N ASP A 129 5.87 8.53 -2.95
CA ASP A 129 6.77 7.87 -3.93
C ASP A 129 6.21 8.08 -5.32
N GLU A 130 6.96 7.61 -6.31
CA GLU A 130 6.58 7.73 -7.74
C GLU A 130 6.77 6.38 -8.40
N MET A 131 5.74 5.95 -9.11
CA MET A 131 5.84 4.79 -10.01
C MET A 131 6.22 5.34 -11.36
N ILE A 132 7.36 4.91 -11.84
CA ILE A 132 7.96 5.47 -13.08
C ILE A 132 7.91 4.39 -14.14
N PHE A 133 7.28 4.72 -15.26
CA PHE A 133 7.13 3.80 -16.41
C PHE A 133 7.99 4.35 -17.54
N GLN A 134 8.97 3.56 -17.96
CA GLN A 134 9.95 3.94 -18.99
C GLN A 134 9.63 3.15 -20.26
N ASP A 135 9.33 3.87 -21.34
CA ASP A 135 9.00 3.29 -22.68
C ASP A 135 8.00 2.15 -22.54
N PRO A 136 6.84 2.41 -21.90
CA PRO A 136 5.82 1.37 -21.82
C PRO A 136 5.29 1.01 -23.21
N THR A 137 4.61 -0.11 -23.29
CA THR A 137 3.86 -0.54 -24.49
C THR A 137 2.82 0.53 -24.82
N ALA A 138 2.41 0.59 -26.07
CA ALA A 138 1.37 1.53 -26.54
C ALA A 138 0.12 1.33 -25.68
N MET A 139 -0.20 0.07 -25.39
CA MET A 139 -1.45 -0.27 -24.67
C MET A 139 -1.35 0.26 -23.23
N MET A 140 -0.19 0.09 -22.59
CA MET A 140 0.00 0.56 -21.20
C MET A 140 0.08 2.09 -21.20
N GLN A 141 0.72 2.68 -22.20
CA GLN A 141 0.80 4.15 -22.33
C GLN A 141 -0.63 4.70 -22.37
N GLN A 142 -1.54 4.04 -23.09
CA GLN A 142 -2.95 4.49 -23.19
C GLN A 142 -3.59 4.45 -21.80
N LEU A 143 -3.46 3.32 -21.09
CA LEU A 143 -4.07 3.12 -19.75
C LEU A 143 -3.51 4.17 -18.80
N LEU A 144 -2.23 4.50 -18.94
CA LEU A 144 -1.54 5.44 -18.04
C LEU A 144 -1.95 6.87 -18.35
N THR A 145 -2.41 7.21 -19.56
CA THR A 145 -2.67 8.60 -20.01
C THR A 145 -4.11 8.76 -20.51
C1 GOL B . -7.11 5.02 4.40
O1 GOL B . -8.46 5.15 3.94
C2 GOL B . -6.26 6.19 3.95
O2 GOL B . -6.78 6.80 2.78
C3 GOL B . -6.12 7.23 5.04
O3 GOL B . -7.39 7.50 5.64
C1 GOL C . -0.53 -10.57 15.13
O1 GOL C . 0.58 -9.96 15.77
C2 GOL C . -1.35 -11.47 16.04
O2 GOL C . -1.35 -10.98 17.38
C3 GOL C . -2.77 -11.61 15.55
O3 GOL C . -3.51 -12.55 16.32
#